data_7NFB
#
_entry.id   7NFB
#
_cell.length_a   55.854
_cell.length_b   81.526
_cell.length_c   58.464
_cell.angle_alpha   90.000
_cell.angle_beta   108.459
_cell.angle_gamma   90.000
#
_symmetry.space_group_name_H-M   'P 1 21 1'
#
loop_
_entity.id
_entity.type
_entity.pdbx_description
1 polymer 'Estrogen receptor'
2 polymer 'Nuclear receptor coactivator 2'
3 non-polymer GENISTEIN
4 non-polymer 'SODIUM ION'
5 non-polymer 1,2-ETHANEDIOL
6 non-polymer 'CHLORIDE ION'
7 non-polymer GLYCEROL
8 water water
#
loop_
_entity_poly.entity_id
_entity_poly.type
_entity_poly.pdbx_seq_one_letter_code
_entity_poly.pdbx_strand_id
1 'polypeptide(L)'
;SMNSLALSLTADQIISALLEAEPPILYSEYDPSRPFSEAYMMGLLTNLADRELVHMINWAKKVPGFVDLSLHDQVHLLES
AWLEILMIGLVWRSMDHPGKLLFAPDLLLDREQGKSVEGMVEIFDMLLATSERFREMKLQREEFVCLKAIILLNSGVYTF
LSSTLKSLENKEKIHRMLDKITDALIWYMAKSGLSLQQQHQRLAQLLLILSHIRHMSNKGMEHLYSMKSKNVVPLSDLLL
EMLDAHR
;
A,B
2 'polypeptide(L)' (ACE)KHKILHRLLQDSSS C,D
#
loop_
_chem_comp.id
_chem_comp.type
_chem_comp.name
_chem_comp.formula
ACE non-polymer 'ACETYL GROUP' 'C2 H4 O'
CL non-polymer 'CHLORIDE ION' 'Cl -1'
EDO non-polymer 1,2-ETHANEDIOL 'C2 H6 O2'
GEN non-polymer GENISTEIN 'C15 H10 O5'
GOL non-polymer GLYCEROL 'C3 H8 O3'
NA non-polymer 'SODIUM ION' 'Na 1'
#
# COMPACT_ATOMS: atom_id res chain seq x y z
N LEU A 5 11.53 19.24 -19.87
CA LEU A 5 12.46 18.42 -20.63
C LEU A 5 12.23 16.94 -20.35
N ALA A 6 12.34 16.56 -19.08
CA ALA A 6 11.97 15.19 -18.71
C ALA A 6 10.56 14.86 -19.17
N LEU A 7 9.65 15.83 -19.10
CA LEU A 7 8.26 15.60 -19.45
C LEU A 7 8.03 15.52 -20.96
N SER A 8 9.05 15.75 -21.77
CA SER A 8 8.94 15.64 -23.22
C SER A 8 9.49 14.33 -23.75
N LEU A 9 10.02 13.46 -22.89
CA LEU A 9 10.56 12.19 -23.35
C LEU A 9 9.45 11.29 -23.88
N THR A 10 9.79 10.47 -24.86
CA THR A 10 8.85 9.48 -25.36
C THR A 10 8.84 8.25 -24.46
N ALA A 11 7.86 7.38 -24.68
CA ALA A 11 7.77 6.16 -23.89
C ALA A 11 9.04 5.33 -24.02
N ASP A 12 9.55 5.18 -25.24
CA ASP A 12 10.78 4.40 -25.42
C ASP A 12 11.95 5.05 -24.68
N GLN A 13 12.02 6.38 -24.72
CA GLN A 13 13.11 7.07 -24.03
C GLN A 13 13.02 6.88 -22.53
N ILE A 14 11.80 6.86 -21.98
CA ILE A 14 11.64 6.69 -20.54
C ILE A 14 12.11 5.30 -20.12
N ILE A 15 11.65 4.27 -20.83
CA ILE A 15 12.02 2.92 -20.45
C ILE A 15 13.52 2.71 -20.64
N SER A 16 14.07 3.22 -21.74
CA SER A 16 15.51 3.13 -21.96
C SER A 16 16.28 3.79 -20.83
N ALA A 17 15.86 4.99 -20.42
CA ALA A 17 16.56 5.68 -19.34
C ALA A 17 16.52 4.86 -18.06
N LEU A 18 15.36 4.29 -17.74
CA LEU A 18 15.23 3.50 -16.52
C LEU A 18 16.07 2.23 -16.58
N LEU A 19 16.09 1.55 -17.74
CA LEU A 19 16.93 0.36 -17.84
C LEU A 19 18.40 0.70 -17.68
N GLU A 20 18.85 1.80 -18.28
CA GLU A 20 20.26 2.17 -18.20
CA GLU A 20 20.26 2.17 -18.20
C GLU A 20 20.64 2.59 -16.78
N ALA A 21 19.69 3.08 -15.97
CA ALA A 21 19.97 3.53 -14.62
C ALA A 21 19.98 2.41 -13.59
N GLU A 22 19.76 1.16 -14.00
CA GLU A 22 19.62 0.09 -13.03
C GLU A 22 20.87 0.00 -12.14
N PRO A 23 20.69 -0.16 -10.83
CA PRO A 23 21.85 -0.17 -9.92
C PRO A 23 22.59 -1.49 -9.98
N PRO A 24 23.82 -1.53 -9.48
CA PRO A 24 24.55 -2.80 -9.43
C PRO A 24 23.97 -3.74 -8.38
N ILE A 25 24.27 -5.03 -8.53
CA ILE A 25 23.90 -6.04 -7.55
C ILE A 25 25.09 -6.23 -6.61
N LEU A 26 24.90 -5.87 -5.34
CA LEU A 26 25.98 -5.91 -4.38
C LEU A 26 26.03 -7.24 -3.64
N TYR A 27 27.19 -7.52 -3.04
CA TYR A 27 27.36 -8.69 -2.19
C TYR A 27 27.16 -8.32 -0.73
N SER A 28 26.70 -9.28 0.06
CA SER A 28 26.60 -9.07 1.49
C SER A 28 27.99 -9.21 2.10
N GLU A 29 28.11 -8.90 3.38
CA GLU A 29 29.37 -9.12 4.08
CA GLU A 29 29.37 -9.12 4.08
C GLU A 29 29.50 -10.52 4.66
N TYR A 30 28.66 -11.47 4.21
CA TYR A 30 28.56 -12.77 4.86
C TYR A 30 29.88 -13.53 4.90
N ASP A 31 30.29 -13.89 6.12
CA ASP A 31 31.46 -14.73 6.36
C ASP A 31 30.95 -16.11 6.76
N PRO A 32 31.00 -17.12 5.88
CA PRO A 32 30.40 -18.41 6.22
C PRO A 32 31.11 -19.17 7.33
N SER A 33 32.22 -18.66 7.86
CA SER A 33 32.81 -19.27 9.05
C SER A 33 32.00 -18.97 10.30
N ARG A 34 31.09 -18.00 10.25
CA ARG A 34 30.29 -17.57 11.39
C ARG A 34 28.85 -18.04 11.23
N PRO A 35 28.23 -18.53 12.30
CA PRO A 35 26.82 -18.94 12.22
C PRO A 35 25.89 -17.74 12.21
N PHE A 36 24.66 -18.01 11.74
CA PHE A 36 23.60 -17.02 11.57
C PHE A 36 22.85 -16.84 12.89
N SER A 37 23.43 -16.06 13.78
CA SER A 37 22.66 -15.62 14.93
C SER A 37 21.66 -14.56 14.49
N GLU A 38 20.69 -14.28 15.35
CA GLU A 38 19.80 -13.16 15.12
C GLU A 38 20.59 -11.88 14.86
N ALA A 39 21.57 -11.60 15.70
CA ALA A 39 22.30 -10.35 15.56
C ALA A 39 23.10 -10.32 14.26
N TYR A 40 23.73 -11.45 13.90
CA TYR A 40 24.58 -11.45 12.70
C TYR A 40 23.72 -11.32 11.44
N MET A 41 22.61 -12.06 11.38
CA MET A 41 21.72 -11.92 10.22
CA MET A 41 21.71 -11.92 10.23
C MET A 41 21.19 -10.49 10.12
N MET A 42 20.76 -9.90 11.22
CA MET A 42 20.30 -8.52 11.18
C MET A 42 21.39 -7.57 10.73
N GLY A 43 22.63 -7.80 11.17
CA GLY A 43 23.73 -6.97 10.73
C GLY A 43 23.99 -7.09 9.23
N LEU A 44 23.93 -8.31 8.70
CA LEU A 44 24.13 -8.50 7.27
C LEU A 44 23.07 -7.78 6.46
N LEU A 45 21.80 -7.91 6.87
CA LEU A 45 20.72 -7.31 6.09
C LEU A 45 20.76 -5.79 6.15
N THR A 46 21.05 -5.22 7.32
CA THR A 46 21.08 -3.76 7.44
C THR A 46 22.34 -3.19 6.79
N ASN A 47 23.48 -3.87 6.89
CA ASN A 47 24.67 -3.39 6.22
C ASN A 47 24.48 -3.40 4.71
N LEU A 48 23.84 -4.45 4.19
CA LEU A 48 23.54 -4.50 2.77
C LEU A 48 22.61 -3.36 2.37
N ALA A 49 21.55 -3.12 3.15
CA ALA A 49 20.65 -2.02 2.85
C ALA A 49 21.39 -0.68 2.83
N ASP A 50 22.27 -0.47 3.80
CA ASP A 50 23.04 0.76 3.83
CA ASP A 50 23.07 0.76 3.85
C ASP A 50 23.84 0.96 2.56
N ARG A 51 24.54 -0.09 2.10
CA ARG A 51 25.37 0.07 0.90
C ARG A 51 24.50 0.23 -0.33
N GLU A 52 23.36 -0.47 -0.39
CA GLU A 52 22.47 -0.32 -1.53
C GLU A 52 21.86 1.08 -1.58
N LEU A 53 21.63 1.71 -0.43
CA LEU A 53 21.03 3.04 -0.42
C LEU A 53 21.89 4.05 -1.17
N VAL A 54 23.22 3.96 -1.05
CA VAL A 54 24.07 4.88 -1.80
C VAL A 54 23.78 4.75 -3.30
N HIS A 55 23.73 3.52 -3.79
CA HIS A 55 23.43 3.30 -5.20
C HIS A 55 22.00 3.66 -5.54
N MET A 56 21.07 3.55 -4.58
CA MET A 56 19.69 3.95 -4.86
C MET A 56 19.61 5.45 -5.09
N ILE A 57 20.43 6.21 -4.39
CA ILE A 57 20.44 7.65 -4.59
C ILE A 57 20.96 7.99 -5.98
N ASN A 58 22.02 7.31 -6.42
CA ASN A 58 22.48 7.49 -7.79
C ASN A 58 21.39 7.17 -8.79
N TRP A 59 20.69 6.04 -8.56
CA TRP A 59 19.60 5.65 -9.45
C TRP A 59 18.50 6.70 -9.47
N ALA A 60 18.09 7.18 -8.28
CA ALA A 60 17.00 8.15 -8.23
C ALA A 60 17.34 9.39 -9.04
N LYS A 61 18.58 9.87 -8.95
CA LYS A 61 19.00 11.03 -9.71
C LYS A 61 18.91 10.82 -11.22
N LYS A 62 18.83 9.56 -11.67
CA LYS A 62 18.67 9.25 -13.09
C LYS A 62 17.22 9.03 -13.50
N VAL A 63 16.28 8.97 -12.56
CA VAL A 63 14.86 8.87 -12.90
C VAL A 63 14.45 10.20 -13.53
N PRO A 64 13.90 10.21 -14.74
CA PRO A 64 13.63 11.48 -15.42
C PRO A 64 12.84 12.45 -14.56
N GLY A 65 13.39 13.66 -14.41
CA GLY A 65 12.74 14.73 -13.68
C GLY A 65 13.02 14.78 -12.19
N PHE A 66 13.58 13.73 -11.60
CA PHE A 66 13.70 13.69 -10.15
C PHE A 66 14.59 14.82 -9.64
N VAL A 67 15.69 15.11 -10.31
CA VAL A 67 16.59 16.14 -9.86
C VAL A 67 16.06 17.56 -10.13
N ASP A 68 14.91 17.66 -10.82
CA ASP A 68 14.26 18.95 -11.01
C ASP A 68 13.48 19.38 -9.77
N LEU A 69 13.21 18.45 -8.86
CA LEU A 69 12.50 18.76 -7.62
C LEU A 69 13.46 19.38 -6.61
N SER A 70 12.89 20.06 -5.62
CA SER A 70 13.71 20.61 -4.56
C SER A 70 14.31 19.47 -3.73
N LEU A 71 15.43 19.77 -3.07
CA LEU A 71 16.08 18.75 -2.26
C LEU A 71 15.16 18.25 -1.15
N HIS A 72 14.29 19.11 -0.62
CA HIS A 72 13.35 18.65 0.39
C HIS A 72 12.38 17.62 -0.18
N ASP A 73 11.91 17.83 -1.41
N ASP A 73 11.90 17.85 -1.41
CA ASP A 73 11.02 16.84 -2.01
CA ASP A 73 11.04 16.87 -2.06
C ASP A 73 11.76 15.55 -2.35
C ASP A 73 11.79 15.57 -2.29
N GLN A 74 13.01 15.66 -2.79
CA GLN A 74 13.79 14.44 -3.07
C GLN A 74 14.04 13.65 -1.78
N VAL A 75 14.43 14.34 -0.71
CA VAL A 75 14.60 13.69 0.58
C VAL A 75 13.31 13.01 1.00
N HIS A 76 12.19 13.72 0.91
CA HIS A 76 10.96 13.16 1.42
C HIS A 76 10.51 11.93 0.62
N LEU A 77 10.60 11.99 -0.70
CA LEU A 77 10.21 10.84 -1.51
C LEU A 77 11.09 9.64 -1.21
N LEU A 78 12.40 9.84 -1.05
CA LEU A 78 13.26 8.70 -0.74
C LEU A 78 13.03 8.18 0.68
N GLU A 79 12.80 9.08 1.64
CA GLU A 79 12.47 8.64 2.99
C GLU A 79 11.20 7.79 2.99
N SER A 80 10.23 8.15 2.17
CA SER A 80 8.98 7.39 2.14
CA SER A 80 8.98 7.39 2.14
C SER A 80 9.18 6.02 1.49
N ALA A 81 9.97 5.95 0.41
CA ALA A 81 9.98 4.82 -0.48
C ALA A 81 11.13 3.84 -0.31
N TRP A 82 12.16 4.16 0.48
CA TRP A 82 13.43 3.43 0.36
C TRP A 82 13.27 1.92 0.58
N LEU A 83 12.53 1.50 1.61
CA LEU A 83 12.42 0.07 1.91
C LEU A 83 11.52 -0.62 0.90
N GLU A 84 10.50 0.08 0.38
CA GLU A 84 9.72 -0.47 -0.73
C GLU A 84 10.61 -0.74 -1.94
N ILE A 85 11.52 0.20 -2.23
CA ILE A 85 12.38 0.04 -3.39
C ILE A 85 13.38 -1.09 -3.18
N LEU A 86 13.96 -1.19 -1.98
CA LEU A 86 14.81 -2.33 -1.69
C LEU A 86 14.05 -3.64 -1.84
N MET A 87 12.82 -3.68 -1.34
CA MET A 87 12.08 -4.94 -1.31
C MET A 87 11.62 -5.34 -2.72
N ILE A 88 11.18 -4.38 -3.54
CA ILE A 88 10.78 -4.77 -4.89
C ILE A 88 11.99 -5.29 -5.66
N GLY A 89 13.18 -4.71 -5.42
CA GLY A 89 14.38 -5.24 -6.04
C GLY A 89 14.72 -6.63 -5.57
N LEU A 90 14.58 -6.87 -4.26
CA LEU A 90 14.75 -8.21 -3.71
C LEU A 90 13.82 -9.22 -4.37
N VAL A 91 12.53 -8.88 -4.49
CA VAL A 91 11.59 -9.84 -5.07
C VAL A 91 11.96 -10.12 -6.51
N TRP A 92 12.33 -9.09 -7.26
CA TRP A 92 12.76 -9.25 -8.65
C TRP A 92 13.97 -10.20 -8.74
N ARG A 93 14.99 -9.98 -7.91
CA ARG A 93 16.16 -10.85 -7.92
C ARG A 93 15.81 -12.28 -7.55
N SER A 94 14.73 -12.48 -6.79
CA SER A 94 14.35 -13.80 -6.31
C SER A 94 13.49 -14.58 -7.29
N MET A 95 13.03 -13.97 -8.37
CA MET A 95 12.10 -14.64 -9.26
C MET A 95 12.65 -15.96 -9.79
N ASP A 96 13.93 -16.02 -10.10
CA ASP A 96 14.51 -17.22 -10.67
C ASP A 96 14.87 -18.27 -9.61
N HIS A 97 14.48 -18.06 -8.36
CA HIS A 97 14.84 -18.95 -7.26
C HIS A 97 13.62 -19.25 -6.40
N PRO A 98 12.71 -20.06 -6.92
CA PRO A 98 11.50 -20.36 -6.14
C PRO A 98 11.85 -20.86 -4.75
N GLY A 99 11.16 -20.34 -3.75
CA GLY A 99 11.37 -20.73 -2.37
C GLY A 99 12.50 -20.04 -1.67
N LYS A 100 13.18 -19.11 -2.33
CA LYS A 100 14.34 -18.43 -1.75
C LYS A 100 14.28 -16.94 -2.03
N LEU A 101 15.01 -16.19 -1.21
CA LEU A 101 15.13 -14.75 -1.33
C LEU A 101 16.59 -14.42 -1.60
N LEU A 102 16.85 -13.84 -2.77
CA LEU A 102 18.22 -13.49 -3.17
C LEU A 102 18.52 -12.07 -2.68
N PHE A 103 18.81 -11.97 -1.38
CA PHE A 103 19.25 -10.70 -0.84
C PHE A 103 20.51 -10.23 -1.54
N ALA A 104 21.44 -11.15 -1.77
CA ALA A 104 22.65 -10.90 -2.55
C ALA A 104 23.07 -12.23 -3.12
N PRO A 105 24.02 -12.23 -4.07
CA PRO A 105 24.39 -13.51 -4.68
C PRO A 105 25.00 -14.48 -3.68
N ASP A 106 25.62 -13.96 -2.63
CA ASP A 106 26.19 -14.78 -1.56
C ASP A 106 25.27 -14.91 -0.35
N LEU A 107 24.00 -14.48 -0.46
CA LEU A 107 23.06 -14.51 0.67
C LEU A 107 21.68 -14.82 0.09
N LEU A 108 21.49 -16.10 -0.24
CA LEU A 108 20.28 -16.62 -0.83
C LEU A 108 19.61 -17.44 0.27
N LEU A 109 18.50 -16.94 0.80
CA LEU A 109 17.95 -17.45 2.03
C LEU A 109 16.57 -18.06 1.83
N ASP A 110 16.32 -19.17 2.52
CA ASP A 110 14.97 -19.73 2.56
C ASP A 110 14.29 -19.35 3.88
N ARG A 111 13.00 -19.68 3.98
CA ARG A 111 12.22 -19.20 5.12
C ARG A 111 12.75 -19.75 6.45
N GLU A 112 13.32 -20.95 6.44
CA GLU A 112 13.85 -21.50 7.69
CA GLU A 112 13.85 -21.51 7.69
C GLU A 112 15.05 -20.70 8.16
N GLN A 113 15.87 -20.20 7.24
CA GLN A 113 16.95 -19.31 7.62
C GLN A 113 16.42 -17.99 8.17
N GLY A 114 15.28 -17.54 7.65
CA GLY A 114 14.67 -16.33 8.19
C GLY A 114 14.26 -16.47 9.64
N LYS A 115 14.01 -17.71 10.09
CA LYS A 115 13.65 -17.92 11.49
C LYS A 115 14.81 -17.60 12.43
N SER A 116 16.00 -17.34 11.89
CA SER A 116 17.12 -16.94 12.71
C SER A 116 16.85 -15.64 13.45
N VAL A 117 15.89 -14.85 12.99
CA VAL A 117 15.56 -13.54 13.55
C VAL A 117 14.11 -13.57 13.99
N GLU A 118 13.84 -13.19 15.24
CA GLU A 118 12.48 -13.16 15.74
C GLU A 118 11.61 -12.24 14.88
N GLY A 119 10.45 -12.73 14.45
CA GLY A 119 9.53 -11.96 13.62
C GLY A 119 9.87 -11.86 12.15
N MET A 120 10.99 -12.45 11.71
CA MET A 120 11.40 -12.29 10.32
C MET A 120 10.74 -13.29 9.39
N VAL A 121 10.41 -14.49 9.86
CA VAL A 121 9.85 -15.48 8.95
C VAL A 121 8.53 -14.98 8.36
N GLU A 122 7.76 -14.24 9.15
CA GLU A 122 6.50 -13.71 8.65
C GLU A 122 6.74 -12.75 7.47
N ILE A 123 7.81 -11.97 7.54
CA ILE A 123 8.15 -11.07 6.46
C ILE A 123 8.67 -11.86 5.26
N PHE A 124 9.53 -12.86 5.52
CA PHE A 124 10.01 -13.72 4.44
C PHE A 124 8.83 -14.34 3.70
N ASP A 125 7.84 -14.84 4.44
CA ASP A 125 6.71 -15.50 3.79
C ASP A 125 5.97 -14.56 2.85
N MET A 126 5.84 -13.28 3.22
CA MET A 126 5.18 -12.33 2.34
C MET A 126 6.03 -12.04 1.10
N LEU A 127 7.34 -11.87 1.29
CA LEU A 127 8.23 -11.63 0.15
C LEU A 127 8.25 -12.83 -0.79
N LEU A 128 8.25 -14.04 -0.25
CA LEU A 128 8.21 -15.23 -1.08
C LEU A 128 6.91 -15.32 -1.88
N ALA A 129 5.78 -15.00 -1.24
CA ALA A 129 4.51 -14.97 -1.95
C ALA A 129 4.53 -13.94 -3.07
N THR A 130 5.15 -12.79 -2.83
CA THR A 130 5.22 -11.78 -3.87
C THR A 130 6.10 -12.24 -5.03
N SER A 131 7.20 -12.96 -4.73
CA SER A 131 8.01 -13.54 -5.80
CA SER A 131 8.01 -13.54 -5.80
C SER A 131 7.21 -14.52 -6.63
N GLU A 132 6.37 -15.33 -5.99
CA GLU A 132 5.49 -16.22 -6.74
C GLU A 132 4.55 -15.43 -7.65
N ARG A 133 4.02 -14.31 -7.16
CA ARG A 133 3.16 -13.47 -8.00
C ARG A 133 3.92 -12.94 -9.22
N PHE A 134 5.17 -12.50 -9.03
CA PHE A 134 5.96 -12.04 -10.16
C PHE A 134 6.12 -13.15 -11.20
N ARG A 135 6.38 -14.38 -10.75
CA ARG A 135 6.51 -15.49 -11.69
C ARG A 135 5.20 -15.78 -12.39
N GLU A 136 4.08 -15.79 -11.63
CA GLU A 136 2.77 -16.03 -12.22
C GLU A 136 2.46 -15.03 -13.33
N MET A 137 2.83 -13.78 -13.10
CA MET A 137 2.58 -12.70 -14.05
C MET A 137 3.61 -12.63 -15.16
N LYS A 138 4.69 -13.39 -15.07
CA LYS A 138 5.80 -13.25 -16.00
C LYS A 138 6.25 -11.80 -16.10
N LEU A 139 6.50 -11.20 -14.94
CA LEU A 139 6.89 -9.80 -14.89
C LEU A 139 8.17 -9.60 -15.71
N GLN A 140 8.16 -8.58 -16.57
CA GLN A 140 9.30 -8.27 -17.42
C GLN A 140 10.11 -7.12 -16.83
N ARG A 141 11.40 -7.08 -17.21
CA ARG A 141 12.29 -6.08 -16.63
C ARG A 141 11.80 -4.66 -16.92
N GLU A 142 11.23 -4.44 -18.11
CA GLU A 142 10.71 -3.13 -18.46
C GLU A 142 9.57 -2.72 -17.53
N GLU A 143 8.73 -3.68 -17.16
CA GLU A 143 7.65 -3.40 -16.23
C GLU A 143 8.18 -3.15 -14.82
N PHE A 144 9.15 -3.97 -14.39
CA PHE A 144 9.77 -3.79 -13.09
C PHE A 144 10.36 -2.40 -12.91
N VAL A 145 11.12 -1.91 -13.90
CA VAL A 145 11.75 -0.61 -13.70
C VAL A 145 10.72 0.51 -13.67
N CYS A 146 9.64 0.38 -14.45
CA CYS A 146 8.56 1.37 -14.34
C CYS A 146 7.94 1.36 -12.95
N LEU A 147 7.69 0.17 -12.40
CA LEU A 147 7.11 0.09 -11.06
C LEU A 147 8.03 0.71 -10.01
N LYS A 148 9.33 0.47 -10.09
CA LYS A 148 10.25 1.04 -9.11
C LYS A 148 10.25 2.57 -9.20
N ALA A 149 10.21 3.12 -10.40
CA ALA A 149 10.13 4.57 -10.54
C ALA A 149 8.80 5.11 -10.01
N ILE A 150 7.71 4.36 -10.21
CA ILE A 150 6.41 4.78 -9.69
C ILE A 150 6.44 4.84 -8.16
N ILE A 151 7.04 3.82 -7.52
CA ILE A 151 7.14 3.84 -6.06
C ILE A 151 7.85 5.11 -5.60
N LEU A 152 9.00 5.40 -6.21
CA LEU A 152 9.77 6.57 -5.82
C LEU A 152 8.93 7.84 -5.89
N LEU A 153 8.15 7.99 -6.95
CA LEU A 153 7.41 9.24 -7.15
C LEU A 153 6.10 9.28 -6.39
N ASN A 154 5.50 8.11 -6.11
CA ASN A 154 4.17 8.07 -5.54
C ASN A 154 4.13 7.91 -4.02
N SER A 155 5.03 7.15 -3.42
CA SER A 155 4.79 6.73 -2.03
C SER A 155 4.66 7.92 -1.09
N GLY A 156 5.48 8.95 -1.26
CA GLY A 156 5.41 10.15 -0.46
C GLY A 156 4.65 11.33 -1.02
N VAL A 157 3.93 11.18 -2.13
CA VAL A 157 3.49 12.34 -2.91
C VAL A 157 2.25 13.04 -2.35
N TYR A 158 1.46 12.39 -1.51
CA TYR A 158 0.28 13.05 -0.97
CA TYR A 158 0.28 13.06 -0.99
C TYR A 158 0.61 13.90 0.25
N THR A 159 1.61 13.49 1.04
CA THR A 159 2.04 14.25 2.21
C THR A 159 3.07 15.31 1.80
N PHE A 160 2.61 16.22 0.93
CA PHE A 160 3.46 17.26 0.38
C PHE A 160 3.05 18.64 0.92
N SER A 163 2.13 24.89 1.49
CA SER A 163 1.20 25.09 0.39
C SER A 163 1.65 26.25 -0.50
N THR A 164 2.97 26.41 -0.62
CA THR A 164 3.51 27.48 -1.45
C THR A 164 3.34 27.15 -2.92
N LEU A 165 3.63 28.15 -3.77
CA LEU A 165 3.54 27.95 -5.21
C LEU A 165 4.56 26.94 -5.68
N LYS A 166 5.80 27.02 -5.18
CA LYS A 166 6.85 26.11 -5.61
C LYS A 166 6.46 24.66 -5.34
N SER A 167 5.90 24.39 -4.17
CA SER A 167 5.52 23.02 -3.84
C SER A 167 4.44 22.51 -4.79
N LEU A 168 3.38 23.29 -4.97
CA LEU A 168 2.34 22.93 -5.94
C LEU A 168 2.95 22.66 -7.31
N GLU A 169 3.95 23.44 -7.69
CA GLU A 169 4.66 23.19 -8.94
C GLU A 169 5.34 21.82 -8.91
N ASN A 170 6.14 21.57 -7.88
CA ASN A 170 6.81 20.27 -7.76
CA ASN A 170 6.81 20.27 -7.76
C ASN A 170 5.81 19.13 -7.79
N LYS A 171 4.70 19.28 -7.06
CA LYS A 171 3.68 18.24 -7.02
C LYS A 171 3.10 17.99 -8.41
N GLU A 172 2.82 19.06 -9.16
CA GLU A 172 2.32 18.89 -10.50
C GLU A 172 3.33 18.17 -11.38
N LYS A 173 4.61 18.52 -11.25
CA LYS A 173 5.66 17.84 -12.01
C LYS A 173 5.63 16.34 -11.73
N ILE A 174 5.50 15.97 -10.46
CA ILE A 174 5.51 14.56 -10.10
C ILE A 174 4.31 13.84 -10.72
N HIS A 175 3.13 14.45 -10.62
CA HIS A 175 1.94 13.80 -11.17
C HIS A 175 2.04 13.68 -12.68
N ARG A 176 2.59 14.69 -13.35
CA ARG A 176 2.80 14.60 -14.80
C ARG A 176 3.78 13.48 -15.15
N MET A 177 4.83 13.29 -14.34
CA MET A 177 5.76 12.22 -14.64
C MET A 177 5.16 10.85 -14.34
N LEU A 178 4.38 10.73 -13.26
CA LEU A 178 3.65 9.48 -13.03
C LEU A 178 2.78 9.13 -14.23
N ASP A 179 2.09 10.12 -14.81
CA ASP A 179 1.27 9.87 -15.99
C ASP A 179 2.12 9.41 -17.17
N LYS A 180 3.33 9.98 -17.33
CA LYS A 180 4.20 9.55 -18.40
C LYS A 180 4.68 8.11 -18.21
N ILE A 181 4.90 7.69 -16.97
CA ILE A 181 5.29 6.30 -16.75
C ILE A 181 4.12 5.36 -17.04
N THR A 182 2.90 5.75 -16.69
CA THR A 182 1.74 5.00 -17.15
C THR A 182 1.75 4.84 -18.66
N ASP A 183 1.95 5.95 -19.38
CA ASP A 183 2.01 5.90 -20.84
C ASP A 183 3.06 4.88 -21.29
N ALA A 184 4.21 4.88 -20.63
CA ALA A 184 5.30 4.00 -21.04
C ALA A 184 4.96 2.54 -20.77
N LEU A 185 4.33 2.24 -19.64
CA LEU A 185 3.91 0.87 -19.34
C LEU A 185 2.93 0.35 -20.40
N ILE A 186 1.93 1.17 -20.73
CA ILE A 186 0.94 0.78 -21.75
C ILE A 186 1.63 0.57 -23.09
N TRP A 187 2.54 1.48 -23.45
CA TRP A 187 3.26 1.35 -24.71
C TRP A 187 4.04 0.04 -24.76
N TYR A 188 4.77 -0.27 -23.68
CA TYR A 188 5.51 -1.52 -23.64
C TYR A 188 4.58 -2.72 -23.81
N MET A 189 3.42 -2.70 -23.13
CA MET A 189 2.48 -3.81 -23.25
C MET A 189 1.92 -3.91 -24.65
N ALA A 190 1.59 -2.78 -25.26
CA ALA A 190 1.07 -2.79 -26.63
C ALA A 190 2.11 -3.29 -27.62
N LYS A 191 3.35 -2.79 -27.50
CA LYS A 191 4.44 -3.27 -28.35
C LYS A 191 4.63 -4.77 -28.21
N SER A 192 4.38 -5.30 -27.01
CA SER A 192 4.56 -6.71 -26.72
C SER A 192 3.42 -7.57 -27.22
N GLY A 193 2.36 -6.98 -27.77
CA GLY A 193 1.29 -7.73 -28.39
C GLY A 193 0.01 -7.88 -27.58
N LEU A 194 -0.08 -7.29 -26.40
CA LEU A 194 -1.28 -7.44 -25.59
CA LEU A 194 -1.29 -7.44 -25.59
C LEU A 194 -2.45 -6.69 -26.24
N SER A 195 -3.63 -7.27 -26.15
CA SER A 195 -4.84 -6.60 -26.63
C SER A 195 -5.16 -5.40 -25.74
N LEU A 196 -6.03 -4.54 -26.24
CA LEU A 196 -6.40 -3.34 -25.48
C LEU A 196 -6.97 -3.70 -24.12
N GLN A 197 -7.83 -4.72 -24.03
CA GLN A 197 -8.35 -5.14 -22.73
C GLN A 197 -7.25 -5.72 -21.85
N GLN A 198 -6.36 -6.52 -22.44
CA GLN A 198 -5.26 -7.08 -21.65
C GLN A 198 -4.37 -5.98 -21.10
N GLN A 199 -4.23 -4.87 -21.83
CA GLN A 199 -3.39 -3.77 -21.37
C GLN A 199 -3.94 -3.16 -20.07
N HIS A 200 -5.23 -2.83 -20.04
CA HIS A 200 -5.75 -2.26 -18.79
C HIS A 200 -5.79 -3.29 -17.68
N GLN A 201 -6.07 -4.56 -17.99
CA GLN A 201 -6.11 -5.56 -16.94
C GLN A 201 -4.72 -5.75 -16.34
N ARG A 202 -3.70 -5.81 -17.18
CA ARG A 202 -2.34 -5.99 -16.67
C ARG A 202 -1.83 -4.74 -15.95
N LEU A 203 -2.16 -3.56 -16.47
CA LEU A 203 -1.81 -2.33 -15.75
C LEU A 203 -2.30 -2.39 -14.31
N ALA A 204 -3.55 -2.81 -14.12
CA ALA A 204 -4.09 -2.89 -12.76
C ALA A 204 -3.39 -3.98 -11.94
N GLN A 205 -3.18 -5.17 -12.53
CA GLN A 205 -2.47 -6.21 -11.80
C GLN A 205 -1.11 -5.72 -11.33
N LEU A 206 -0.39 -5.03 -12.21
CA LEU A 206 0.92 -4.51 -11.85
C LEU A 206 0.84 -3.47 -10.72
N LEU A 207 -0.08 -2.53 -10.85
CA LEU A 207 -0.16 -1.47 -9.82
C LEU A 207 -0.65 -2.01 -8.49
N LEU A 208 -1.47 -3.07 -8.48
CA LEU A 208 -1.86 -3.66 -7.21
C LEU A 208 -0.68 -4.30 -6.49
N ILE A 209 0.37 -4.70 -7.23
CA ILE A 209 1.60 -5.16 -6.58
C ILE A 209 2.04 -4.13 -5.56
N LEU A 210 1.89 -2.85 -5.90
CA LEU A 210 2.42 -1.78 -5.07
C LEU A 210 1.69 -1.66 -3.74
N SER A 211 0.43 -2.10 -3.66
CA SER A 211 -0.23 -2.17 -2.37
C SER A 211 0.45 -3.20 -1.47
N HIS A 212 0.81 -4.35 -2.04
CA HIS A 212 1.48 -5.39 -1.27
C HIS A 212 2.91 -5.01 -0.92
N ILE A 213 3.62 -4.35 -1.83
CA ILE A 213 4.95 -3.83 -1.50
C ILE A 213 4.89 -2.83 -0.35
N ARG A 214 3.92 -1.92 -0.40
CA ARG A 214 3.75 -0.97 0.71
C ARG A 214 3.56 -1.72 2.03
N HIS A 215 2.69 -2.73 2.04
CA HIS A 215 2.40 -3.47 3.25
C HIS A 215 3.66 -4.10 3.81
N MET A 216 4.46 -4.74 2.94
CA MET A 216 5.67 -5.38 3.40
C MET A 216 6.70 -4.38 3.90
N SER A 217 6.80 -3.21 3.24
CA SER A 217 7.70 -2.18 3.77
C SER A 217 7.26 -1.72 5.16
N ASN A 218 5.96 -1.51 5.35
CA ASN A 218 5.49 -1.08 6.66
C ASN A 218 5.80 -2.12 7.72
N LYS A 219 5.58 -3.40 7.40
CA LYS A 219 5.89 -4.46 8.35
C LYS A 219 7.38 -4.55 8.60
N GLY A 220 8.19 -4.38 7.55
CA GLY A 220 9.63 -4.40 7.75
C GLY A 220 10.13 -3.24 8.58
N MET A 221 9.53 -2.05 8.39
CA MET A 221 9.92 -0.88 9.16
C MET A 221 9.57 -1.05 10.63
N GLU A 222 8.38 -1.57 10.92
CA GLU A 222 8.01 -1.88 12.30
CA GLU A 222 8.01 -1.87 12.30
C GLU A 222 8.98 -2.88 12.91
N HIS A 223 9.36 -3.90 12.14
CA HIS A 223 10.28 -4.91 12.63
C HIS A 223 11.65 -4.31 12.90
N LEU A 224 12.14 -3.47 11.99
CA LEU A 224 13.43 -2.83 12.18
C LEU A 224 13.43 -1.94 13.41
N TYR A 225 12.35 -1.19 13.62
CA TYR A 225 12.24 -0.40 14.84
C TYR A 225 12.30 -1.29 16.07
N SER A 226 11.63 -2.44 16.03
CA SER A 226 11.64 -3.36 17.15
C SER A 226 13.05 -3.87 17.43
N MET A 227 13.76 -4.25 16.37
CA MET A 227 15.15 -4.69 16.52
C MET A 227 16.01 -3.59 17.14
N LYS A 228 15.88 -2.35 16.64
CA LYS A 228 16.62 -1.23 17.22
C LYS A 228 16.27 -1.04 18.69
N SER A 229 14.98 -1.09 19.02
CA SER A 229 14.54 -0.83 20.39
C SER A 229 15.03 -1.89 21.36
N LYS A 230 15.46 -3.05 20.87
CA LYS A 230 15.98 -4.13 21.69
C LYS A 230 17.50 -4.25 21.58
N ASN A 231 18.15 -3.27 20.94
CA ASN A 231 19.61 -3.24 20.84
C ASN A 231 20.17 -4.50 20.16
N VAL A 232 19.42 -5.01 19.19
CA VAL A 232 19.84 -6.22 18.48
C VAL A 232 21.01 -5.92 17.54
N VAL A 233 20.97 -4.76 16.88
CA VAL A 233 21.89 -4.47 15.78
C VAL A 233 22.18 -2.98 15.82
N PRO A 234 23.42 -2.56 15.65
CA PRO A 234 23.70 -1.12 15.49
C PRO A 234 23.36 -0.72 14.06
N LEU A 235 22.82 0.48 13.91
CA LEU A 235 22.44 1.01 12.61
C LEU A 235 23.28 2.23 12.28
N SER A 236 23.59 2.38 11.00
CA SER A 236 24.30 3.56 10.53
C SER A 236 23.44 4.80 10.78
N ASP A 237 24.09 5.97 10.79
CA ASP A 237 23.35 7.21 10.92
C ASP A 237 22.31 7.35 9.81
N LEU A 238 22.66 6.96 8.59
CA LEU A 238 21.70 7.00 7.49
C LEU A 238 20.46 6.16 7.82
N LEU A 239 20.65 4.91 8.24
CA LEU A 239 19.48 4.08 8.50
C LEU A 239 18.70 4.59 9.70
N LEU A 240 19.40 5.10 10.72
CA LEU A 240 18.69 5.71 11.84
C LEU A 240 17.80 6.84 11.37
N GLU A 241 18.29 7.67 10.44
CA GLU A 241 17.50 8.79 9.96
C GLU A 241 16.39 8.33 9.03
N MET A 242 16.68 7.34 8.16
CA MET A 242 15.65 6.78 7.29
CA MET A 242 15.64 6.79 7.29
C MET A 242 14.52 6.17 8.12
N LEU A 243 14.89 5.48 9.19
CA LEU A 243 13.91 4.84 10.06
C LEU A 243 13.13 5.88 10.85
N ASP A 244 13.82 6.92 11.32
CA ASP A 244 13.16 7.98 12.07
C ASP A 244 12.16 8.76 11.23
N ALA A 245 12.34 8.79 9.91
CA ALA A 245 11.34 9.42 9.05
C ALA A 245 9.99 8.74 9.12
N HIS A 246 9.95 7.47 9.54
CA HIS A 246 8.72 6.71 9.64
C HIS A 246 8.19 6.61 11.06
N ARG A 247 8.89 7.21 12.03
CA ARG A 247 8.48 7.13 13.43
C ARG A 247 7.63 8.34 13.81
N SER B 4 -19.23 -18.92 -13.63
CA SER B 4 -20.19 -18.61 -12.58
C SER B 4 -20.99 -17.37 -12.96
N LEU B 5 -22.16 -17.21 -12.33
CA LEU B 5 -23.02 -16.07 -12.62
C LEU B 5 -22.31 -14.75 -12.35
N ALA B 6 -21.64 -14.64 -11.20
CA ALA B 6 -20.96 -13.40 -10.86
C ALA B 6 -19.88 -13.07 -11.88
N LEU B 7 -19.13 -14.07 -12.33
CA LEU B 7 -18.05 -13.84 -13.28
C LEU B 7 -18.56 -13.56 -14.68
N SER B 8 -19.87 -13.63 -14.91
CA SER B 8 -20.45 -13.31 -16.21
C SER B 8 -21.14 -11.95 -16.25
N LEU B 9 -21.08 -11.18 -15.16
CA LEU B 9 -21.76 -9.89 -15.13
C LEU B 9 -21.09 -8.90 -16.07
N THR B 10 -21.89 -7.98 -16.60
CA THR B 10 -21.36 -6.90 -17.42
C THR B 10 -20.84 -5.79 -16.53
N ALA B 11 -20.12 -4.83 -17.13
CA ALA B 11 -19.60 -3.70 -16.38
C ALA B 11 -20.73 -2.91 -15.72
N ASP B 12 -21.80 -2.63 -16.48
CA ASP B 12 -22.94 -1.91 -15.91
C ASP B 12 -23.56 -2.67 -14.75
N GLN B 13 -23.65 -4.00 -14.88
CA GLN B 13 -24.21 -4.80 -13.79
C GLN B 13 -23.32 -4.74 -12.55
N ILE B 14 -22.00 -4.77 -12.72
CA ILE B 14 -21.08 -4.71 -11.59
C ILE B 14 -21.22 -3.38 -10.87
N ILE B 15 -21.18 -2.27 -11.62
CA ILE B 15 -21.27 -0.96 -11.02
C ILE B 15 -22.61 -0.79 -10.32
N SER B 16 -23.69 -1.19 -10.98
CA SER B 16 -25.02 -1.07 -10.37
C SER B 16 -25.09 -1.86 -9.08
N ALA B 17 -24.56 -3.09 -9.07
CA ALA B 17 -24.58 -3.90 -7.86
C ALA B 17 -23.82 -3.23 -6.73
N LEU B 18 -22.66 -2.65 -7.04
CA LEU B 18 -21.85 -2.02 -6.00
C LEU B 18 -22.52 -0.75 -5.48
N LEU B 19 -23.14 0.04 -6.36
CA LEU B 19 -23.84 1.22 -5.89
C LEU B 19 -24.99 0.84 -4.96
N GLU B 20 -25.73 -0.23 -5.31
CA GLU B 20 -26.86 -0.65 -4.50
C GLU B 20 -26.41 -1.20 -3.15
N ALA B 21 -25.20 -1.73 -3.07
CA ALA B 21 -24.70 -2.33 -1.84
C ALA B 21 -24.15 -1.30 -0.86
N GLU B 22 -24.14 -0.02 -1.19
CA GLU B 22 -23.48 0.96 -0.36
C GLU B 22 -24.08 0.95 1.05
N PRO B 23 -23.23 0.99 2.09
CA PRO B 23 -23.72 0.87 3.45
C PRO B 23 -24.31 2.19 3.93
N PRO B 24 -25.06 2.16 5.02
CA PRO B 24 -25.57 3.41 5.60
C PRO B 24 -24.46 4.22 6.24
N ILE B 25 -24.74 5.51 6.38
CA ILE B 25 -23.83 6.42 7.08
C ILE B 25 -24.33 6.57 8.51
N LEU B 26 -23.52 6.12 9.47
CA LEU B 26 -23.93 6.08 10.86
C LEU B 26 -23.50 7.35 11.59
N TYR B 27 -24.15 7.59 12.72
CA TYR B 27 -23.84 8.73 13.59
C TYR B 27 -22.93 8.28 14.72
N SER B 28 -22.11 9.22 15.19
CA SER B 28 -21.22 8.95 16.32
C SER B 28 -21.94 9.31 17.63
N GLU B 29 -21.25 9.11 18.75
CA GLU B 29 -21.82 9.48 20.04
C GLU B 29 -21.45 10.90 20.47
N TYR B 30 -20.94 11.73 19.56
CA TYR B 30 -20.29 12.97 19.95
C TYR B 30 -21.24 13.88 20.74
N ASP B 31 -20.72 14.39 21.86
CA ASP B 31 -21.44 15.33 22.73
C ASP B 31 -20.52 16.52 22.91
N PRO B 32 -20.91 17.71 22.48
CA PRO B 32 -20.05 18.89 22.70
C PRO B 32 -19.80 19.19 24.17
N SER B 33 -20.67 18.73 25.08
CA SER B 33 -20.49 19.05 26.49
C SER B 33 -19.38 18.24 27.15
N ARG B 34 -18.84 17.24 26.46
CA ARG B 34 -17.86 16.35 27.07
C ARG B 34 -16.45 16.90 26.90
N PRO B 35 -15.63 16.90 27.95
CA PRO B 35 -14.21 17.23 27.76
C PRO B 35 -13.62 16.39 26.66
N PHE B 36 -12.98 17.04 25.68
CA PHE B 36 -12.46 16.35 24.50
C PHE B 36 -11.05 15.84 24.77
N SER B 37 -10.99 14.81 25.59
CA SER B 37 -9.74 14.19 25.98
C SER B 37 -9.32 13.16 24.94
N GLU B 38 -8.06 12.73 25.03
CA GLU B 38 -7.59 11.64 24.17
C GLU B 38 -8.51 10.43 24.28
N ALA B 39 -8.84 10.04 25.52
CA ALA B 39 -9.67 8.85 25.71
C ALA B 39 -11.07 9.03 25.15
N TYR B 40 -11.65 10.23 25.31
CA TYR B 40 -12.98 10.47 24.78
C TYR B 40 -12.99 10.39 23.26
N MET B 41 -12.03 11.05 22.60
CA MET B 41 -11.99 11.01 21.15
C MET B 41 -11.79 9.60 20.65
N MET B 42 -10.88 8.85 21.26
CA MET B 42 -10.63 7.50 20.78
CA MET B 42 -10.62 7.50 20.78
C MET B 42 -11.81 6.58 21.05
N GLY B 43 -12.57 6.85 22.11
CA GLY B 43 -13.79 6.10 22.32
C GLY B 43 -14.79 6.33 21.21
N LEU B 44 -14.90 7.58 20.73
CA LEU B 44 -15.82 7.85 19.64
C LEU B 44 -15.42 7.13 18.37
N LEU B 45 -14.12 7.13 18.05
CA LEU B 45 -13.66 6.54 16.81
CA LEU B 45 -13.66 6.53 16.81
C LEU B 45 -13.80 5.01 16.83
N THR B 46 -13.44 4.37 17.94
CA THR B 46 -13.51 2.91 17.99
C THR B 46 -14.95 2.43 18.08
N ASN B 47 -15.81 3.17 18.80
CA ASN B 47 -17.23 2.84 18.83
C ASN B 47 -17.82 2.91 17.43
N LEU B 48 -17.48 3.94 16.66
CA LEU B 48 -17.99 4.07 15.31
C LEU B 48 -17.50 2.93 14.43
N ALA B 49 -16.20 2.63 14.50
CA ALA B 49 -15.66 1.53 13.70
C ALA B 49 -16.35 0.22 14.02
N ASP B 50 -16.60 -0.05 15.31
CA ASP B 50 -17.27 -1.29 15.68
CA ASP B 50 -17.28 -1.28 15.70
C ASP B 50 -18.63 -1.39 15.01
N ARG B 51 -19.42 -0.31 15.07
CA ARG B 51 -20.76 -0.35 14.49
C ARG B 51 -20.71 -0.43 12.98
N GLU B 52 -19.73 0.23 12.35
CA GLU B 52 -19.61 0.16 10.90
C GLU B 52 -19.22 -1.24 10.43
N LEU B 53 -18.45 -1.96 11.25
CA LEU B 53 -17.98 -3.28 10.82
C LEU B 53 -19.15 -4.21 10.52
N VAL B 54 -20.21 -4.15 11.32
CA VAL B 54 -21.35 -5.01 11.08
C VAL B 54 -21.94 -4.73 9.70
N HIS B 55 -22.06 -3.46 9.33
CA HIS B 55 -22.57 -3.11 8.02
C HIS B 55 -21.58 -3.46 6.91
N MET B 56 -20.29 -3.42 7.21
CA MET B 56 -19.30 -3.80 6.22
C MET B 56 -19.45 -5.26 5.82
N ILE B 57 -19.83 -6.12 6.77
CA ILE B 57 -20.00 -7.54 6.47
C ILE B 57 -21.15 -7.73 5.51
N ASN B 58 -22.25 -7.01 5.71
CA ASN B 58 -23.38 -7.09 4.79
C ASN B 58 -23.01 -6.57 3.42
N TRP B 59 -22.21 -5.51 3.38
CA TRP B 59 -21.73 -4.98 2.11
C TRP B 59 -20.87 -6.02 1.39
N ALA B 60 -19.93 -6.63 2.11
CA ALA B 60 -19.03 -7.59 1.48
C ALA B 60 -19.80 -8.75 0.86
N LYS B 61 -20.85 -9.22 1.52
CA LYS B 61 -21.65 -10.30 0.96
C LYS B 61 -22.36 -9.91 -0.33
N LYS B 62 -22.43 -8.62 -0.65
CA LYS B 62 -23.02 -8.16 -1.89
C LYS B 62 -21.98 -7.87 -2.96
N VAL B 63 -20.70 -7.92 -2.64
CA VAL B 63 -19.69 -7.77 -3.69
C VAL B 63 -19.71 -9.00 -4.58
N PRO B 64 -19.82 -8.85 -5.91
CA PRO B 64 -20.01 -10.02 -6.77
C PRO B 64 -19.00 -11.12 -6.52
N GLY B 65 -19.51 -12.32 -6.28
CA GLY B 65 -18.69 -13.50 -6.11
C GLY B 65 -18.20 -13.76 -4.69
N PHE B 66 -18.30 -12.78 -3.79
CA PHE B 66 -17.66 -12.92 -2.49
C PHE B 66 -18.24 -14.08 -1.71
N VAL B 67 -19.57 -14.24 -1.73
CA VAL B 67 -20.21 -15.34 -1.01
C VAL B 67 -19.98 -16.69 -1.66
N ASP B 68 -19.39 -16.71 -2.87
CA ASP B 68 -19.03 -17.98 -3.50
C ASP B 68 -17.74 -18.56 -2.92
N LEU B 69 -16.98 -17.78 -2.17
CA LEU B 69 -15.79 -18.27 -1.49
C LEU B 69 -16.18 -18.97 -0.20
N SER B 70 -15.24 -19.74 0.35
CA SER B 70 -15.47 -20.39 1.62
C SER B 70 -15.54 -19.34 2.73
N LEU B 71 -16.13 -19.74 3.85
CA LEU B 71 -16.19 -18.82 4.99
C LEU B 71 -14.79 -18.43 5.45
N HIS B 72 -13.86 -19.39 5.47
CA HIS B 72 -12.50 -19.08 5.84
C HIS B 72 -11.89 -18.06 4.87
N ASP B 73 -12.19 -18.20 3.58
CA ASP B 73 -11.69 -17.25 2.61
C ASP B 73 -12.22 -15.85 2.88
N GLN B 74 -13.53 -15.77 3.19
CA GLN B 74 -14.16 -14.48 3.44
C GLN B 74 -13.59 -13.83 4.70
N VAL B 75 -13.39 -14.63 5.76
CA VAL B 75 -12.77 -14.12 6.98
C VAL B 75 -11.38 -13.57 6.67
N HIS B 76 -10.61 -14.32 5.90
CA HIS B 76 -9.24 -13.92 5.58
C HIS B 76 -9.22 -12.57 4.87
N LEU B 77 -10.07 -12.39 3.86
CA LEU B 77 -10.06 -11.15 3.09
C LEU B 77 -10.52 -9.96 3.93
N LEU B 78 -11.56 -10.15 4.76
CA LEU B 78 -12.02 -9.06 5.62
C LEU B 78 -11.00 -8.72 6.72
N GLU B 79 -10.37 -9.74 7.32
CA GLU B 79 -9.34 -9.45 8.31
C GLU B 79 -8.20 -8.62 7.73
N SER B 80 -7.86 -8.84 6.45
CA SER B 80 -6.79 -8.08 5.84
CA SER B 80 -6.79 -8.08 5.84
C SER B 80 -7.23 -6.65 5.53
N ALA B 81 -8.47 -6.48 5.09
CA ALA B 81 -8.88 -5.23 4.44
C ALA B 81 -9.71 -4.29 5.31
N TRP B 82 -10.16 -4.70 6.49
CA TRP B 82 -11.25 -3.96 7.13
C TRP B 82 -10.91 -2.49 7.40
N LEU B 83 -9.70 -2.20 7.90
CA LEU B 83 -9.38 -0.81 8.23
C LEU B 83 -9.14 0.02 6.96
N GLU B 84 -8.60 -0.61 5.91
CA GLU B 84 -8.51 0.07 4.62
C GLU B 84 -9.90 0.47 4.13
N ILE B 85 -10.88 -0.43 4.26
CA ILE B 85 -12.23 -0.14 3.80
C ILE B 85 -12.87 0.98 4.62
N LEU B 86 -12.69 0.96 5.95
CA LEU B 86 -13.19 2.06 6.77
C LEU B 86 -12.54 3.38 6.37
N MET B 87 -11.23 3.36 6.13
CA MET B 87 -10.52 4.61 5.85
C MET B 87 -10.83 5.16 4.47
N ILE B 88 -10.96 4.30 3.45
CA ILE B 88 -11.33 4.85 2.15
C ILE B 88 -12.74 5.45 2.21
N GLY B 89 -13.64 4.84 3.00
CA GLY B 89 -14.95 5.44 3.19
C GLY B 89 -14.88 6.80 3.87
N LEU B 90 -14.02 6.89 4.90
CA LEU B 90 -13.79 8.16 5.58
C LEU B 90 -13.29 9.24 4.61
N VAL B 91 -12.29 8.90 3.80
CA VAL B 91 -11.75 9.87 2.84
C VAL B 91 -12.84 10.33 1.87
N TRP B 92 -13.63 9.38 1.35
CA TRP B 92 -14.74 9.72 0.46
C TRP B 92 -15.71 10.68 1.13
N ARG B 93 -16.13 10.38 2.36
CA ARG B 93 -17.06 11.25 3.06
C ARG B 93 -16.47 12.64 3.30
N SER B 94 -15.14 12.74 3.39
CA SER B 94 -14.48 13.99 3.69
C SER B 94 -14.21 14.85 2.46
N MET B 95 -14.41 14.32 1.25
CA MET B 95 -14.08 15.07 0.04
CA MET B 95 -14.09 15.07 0.05
C MET B 95 -14.72 16.45 0.05
N ASP B 96 -15.99 16.52 0.43
CA ASP B 96 -16.75 17.77 0.38
C ASP B 96 -16.43 18.72 1.53
N HIS B 97 -15.41 18.44 2.33
CA HIS B 97 -15.12 19.22 3.54
C HIS B 97 -13.62 19.45 3.66
N PRO B 98 -13.08 20.34 2.82
CA PRO B 98 -11.64 20.63 2.88
C PRO B 98 -11.17 20.93 4.29
N GLY B 99 -10.06 20.28 4.68
CA GLY B 99 -9.46 20.48 5.98
C GLY B 99 -10.09 19.70 7.11
N LYS B 100 -11.13 18.92 6.84
CA LYS B 100 -11.83 18.19 7.88
C LYS B 100 -12.01 16.73 7.47
N LEU B 101 -12.19 15.89 8.48
CA LEU B 101 -12.47 14.47 8.30
C LEU B 101 -13.87 14.20 8.82
N LEU B 102 -14.75 13.73 7.93
CA LEU B 102 -16.13 13.46 8.28
C LEU B 102 -16.23 12.00 8.74
N PHE B 103 -15.85 11.77 10.00
CA PHE B 103 -16.03 10.44 10.57
C PHE B 103 -17.50 10.05 10.54
N ALA B 104 -18.36 10.99 10.86
CA ALA B 104 -19.81 10.81 10.83
C ALA B 104 -20.41 12.20 10.62
N PRO B 105 -21.70 12.27 10.28
CA PRO B 105 -22.29 13.61 10.06
C PRO B 105 -22.18 14.54 11.26
N ASP B 106 -22.16 13.99 12.47
CA ASP B 106 -22.04 14.77 13.70
C ASP B 106 -20.62 14.79 14.25
N LEU B 107 -19.64 14.28 13.49
CA LEU B 107 -18.26 14.17 13.97
C LEU B 107 -17.33 14.53 12.80
N LEU B 108 -17.14 15.82 12.62
CA LEU B 108 -16.28 16.40 11.59
C LEU B 108 -15.10 17.05 12.31
N LEU B 109 -13.91 16.48 12.16
CA LEU B 109 -12.75 16.85 12.95
C LEU B 109 -11.65 17.43 12.07
N ASP B 110 -11.00 18.49 12.54
CA ASP B 110 -9.84 19.03 11.84
C ASP B 110 -8.56 18.54 12.50
N ARG B 111 -7.42 18.90 11.90
CA ARG B 111 -6.14 18.37 12.39
C ARG B 111 -5.84 18.86 13.79
N GLU B 112 -6.29 20.06 14.14
CA GLU B 112 -6.04 20.56 15.49
C GLU B 112 -6.80 19.74 16.53
N GLN B 113 -8.00 19.27 16.18
CA GLN B 113 -8.69 18.34 17.07
C GLN B 113 -7.99 16.99 17.10
N GLY B 114 -7.43 16.56 15.97
CA GLY B 114 -6.69 15.31 15.96
C GLY B 114 -5.50 15.32 16.89
N LYS B 115 -4.91 16.50 17.13
CA LYS B 115 -3.78 16.63 18.04
C LYS B 115 -4.15 16.26 19.47
N SER B 116 -5.44 16.12 19.78
CA SER B 116 -5.85 15.72 21.12
C SER B 116 -5.39 14.31 21.47
N VAL B 117 -5.07 13.48 20.49
CA VAL B 117 -4.67 12.09 20.69
C VAL B 117 -3.22 11.97 20.28
N GLU B 118 -2.40 11.38 21.15
CA GLU B 118 -0.99 11.20 20.82
CA GLU B 118 -0.99 11.20 20.82
C GLU B 118 -0.86 10.36 19.56
N GLY B 119 -0.03 10.83 18.62
CA GLY B 119 0.23 10.13 17.39
C GLY B 119 -0.84 10.24 16.33
N MET B 120 -1.92 10.95 16.60
CA MET B 120 -3.04 10.97 15.67
C MET B 120 -2.91 12.04 14.61
N VAL B 121 -2.28 13.18 14.89
CA VAL B 121 -2.26 14.25 13.89
C VAL B 121 -1.55 13.78 12.62
N GLU B 122 -0.53 12.93 12.77
CA GLU B 122 0.18 12.41 11.61
C GLU B 122 -0.74 11.58 10.72
N ILE B 123 -1.59 10.76 11.35
CA ILE B 123 -2.58 9.99 10.62
C ILE B 123 -3.62 10.92 9.97
N PHE B 124 -4.13 11.88 10.74
CA PHE B 124 -5.04 12.88 10.19
C PHE B 124 -4.45 13.54 8.95
N ASP B 125 -3.18 13.96 9.02
CA ASP B 125 -2.57 14.66 7.90
C ASP B 125 -2.56 13.79 6.65
N MET B 126 -2.29 12.49 6.81
CA MET B 126 -2.32 11.60 5.66
C MET B 126 -3.72 11.46 5.09
N LEU B 127 -4.72 11.26 5.95
CA LEU B 127 -6.10 11.12 5.49
C LEU B 127 -6.57 12.40 4.82
N LEU B 128 -6.22 13.55 5.39
CA LEU B 128 -6.61 14.82 4.79
C LEU B 128 -5.96 15.01 3.43
N ALA B 129 -4.69 14.65 3.29
CA ALA B 129 -4.01 14.77 2.01
C ALA B 129 -4.66 13.87 0.98
N THR B 130 -5.09 12.67 1.41
CA THR B 130 -5.74 11.76 0.48
C THR B 130 -7.10 12.31 0.05
N SER B 131 -7.81 12.94 0.99
CA SER B 131 -9.07 13.59 0.65
C SER B 131 -8.85 14.71 -0.37
N GLU B 132 -7.79 15.49 -0.20
CA GLU B 132 -7.47 16.52 -1.18
C GLU B 132 -7.21 15.92 -2.55
N ARG B 133 -6.52 14.77 -2.59
CA ARG B 133 -6.30 14.09 -3.87
C ARG B 133 -7.62 13.67 -4.50
N PHE B 134 -8.55 13.14 -3.70
CA PHE B 134 -9.88 12.81 -4.23
C PHE B 134 -10.52 14.03 -4.88
N ARG B 135 -10.41 15.19 -4.22
CA ARG B 135 -10.96 16.43 -4.77
C ARG B 135 -10.26 16.82 -6.07
N GLU B 136 -8.93 16.78 -6.07
CA GLU B 136 -8.16 17.08 -7.28
C GLU B 136 -8.64 16.24 -8.45
N MET B 137 -8.84 14.95 -8.21
CA MET B 137 -9.23 14.02 -9.25
C MET B 137 -10.71 14.11 -9.60
N LYS B 138 -11.51 14.81 -8.82
CA LYS B 138 -12.96 14.76 -8.97
C LYS B 138 -13.44 13.31 -8.98
N LEU B 139 -13.03 12.56 -7.97
CA LEU B 139 -13.40 11.15 -7.87
C LEU B 139 -14.91 11.01 -7.81
N GLN B 140 -15.44 10.07 -8.61
CA GLN B 140 -16.87 9.82 -8.71
C GLN B 140 -17.27 8.59 -7.91
N ARG B 141 -18.55 8.56 -7.51
N ARG B 141 -18.55 8.57 -7.51
CA ARG B 141 -19.00 7.47 -6.64
CA ARG B 141 -19.05 7.49 -6.66
C ARG B 141 -18.82 6.11 -7.30
C ARG B 141 -18.82 6.13 -7.31
N GLU B 142 -19.01 6.04 -8.62
CA GLU B 142 -18.81 4.77 -9.33
C GLU B 142 -17.36 4.31 -9.23
N GLU B 143 -16.42 5.26 -9.26
CA GLU B 143 -15.01 4.91 -9.13
C GLU B 143 -14.69 4.48 -7.70
N PHE B 144 -15.23 5.20 -6.72
CA PHE B 144 -15.04 4.86 -5.31
C PHE B 144 -15.52 3.43 -5.01
N VAL B 145 -16.72 3.08 -5.44
CA VAL B 145 -17.23 1.75 -5.09
C VAL B 145 -16.40 0.65 -5.74
N CYS B 146 -15.89 0.88 -6.96
CA CYS B 146 -15.00 -0.11 -7.54
C CYS B 146 -13.72 -0.26 -6.73
N LEU B 147 -13.13 0.86 -6.29
CA LEU B 147 -11.92 0.80 -5.47
C LEU B 147 -12.16 0.02 -4.17
N LYS B 148 -13.29 0.24 -3.52
CA LYS B 148 -13.57 -0.47 -2.28
C LYS B 148 -13.65 -1.97 -2.51
N ALA B 149 -14.33 -2.39 -3.58
CA ALA B 149 -14.38 -3.81 -3.91
C ALA B 149 -13.00 -4.36 -4.22
N ILE B 150 -12.17 -3.57 -4.91
CA ILE B 150 -10.80 -4.01 -5.20
C ILE B 150 -10.02 -4.24 -3.92
N ILE B 151 -10.13 -3.33 -2.96
CA ILE B 151 -9.45 -3.51 -1.68
C ILE B 151 -9.86 -4.85 -1.06
N LEU B 152 -11.17 -5.11 -1.01
CA LEU B 152 -11.66 -6.32 -0.37
C LEU B 152 -11.04 -7.57 -0.99
N LEU B 153 -10.96 -7.60 -2.32
CA LEU B 153 -10.49 -8.80 -3.00
C LEU B 153 -8.96 -8.87 -3.09
N ASN B 154 -8.27 -7.73 -3.06
CA ASN B 154 -6.82 -7.71 -3.29
C ASN B 154 -5.99 -7.74 -2.02
N SER B 155 -6.39 -7.08 -0.94
CA SER B 155 -5.42 -6.86 0.12
C SER B 155 -4.87 -8.16 0.69
N GLY B 156 -5.70 -9.17 0.87
CA GLY B 156 -5.27 -10.47 1.35
C GLY B 156 -4.99 -11.52 0.30
N VAL B 157 -4.95 -11.18 -0.99
CA VAL B 157 -4.92 -12.23 -2.02
C VAL B 157 -3.54 -12.86 -2.21
N TYR B 158 -2.45 -12.17 -1.86
CA TYR B 158 -1.15 -12.81 -2.04
C TYR B 158 -0.91 -13.88 -0.97
N THR B 159 -1.49 -13.72 0.22
CA THR B 159 -1.35 -14.70 1.29
C THR B 159 -2.48 -15.73 1.29
N PHE B 160 -3.43 -15.59 0.37
CA PHE B 160 -4.50 -16.56 0.20
C PHE B 160 -3.92 -17.91 -0.18
N LEU B 161 -4.30 -18.96 0.55
CA LEU B 161 -3.70 -20.27 0.33
C LEU B 161 -4.30 -20.95 -0.91
N SER B 162 -3.44 -21.67 -1.64
CA SER B 162 -3.85 -22.42 -2.84
C SER B 162 -3.21 -23.80 -2.81
N SER B 163 -3.31 -24.45 -1.66
CA SER B 163 -2.67 -25.73 -1.39
C SER B 163 -3.51 -26.93 -1.81
N THR B 164 -4.70 -26.69 -2.34
CA THR B 164 -5.58 -27.73 -2.85
C THR B 164 -6.12 -27.25 -4.18
N LEU B 165 -6.67 -28.18 -4.96
CA LEU B 165 -7.27 -27.80 -6.23
C LEU B 165 -8.43 -26.83 -6.02
N LYS B 166 -9.23 -27.03 -4.96
CA LYS B 166 -10.37 -26.17 -4.72
C LYS B 166 -9.92 -24.75 -4.33
N SER B 167 -8.92 -24.64 -3.47
CA SER B 167 -8.46 -23.32 -3.07
C SER B 167 -7.73 -22.62 -4.22
N LEU B 168 -7.01 -23.35 -5.05
CA LEU B 168 -6.44 -22.76 -6.26
C LEU B 168 -7.53 -22.21 -7.16
N GLU B 169 -8.60 -22.98 -7.35
CA GLU B 169 -9.72 -22.51 -8.15
C GLU B 169 -10.29 -21.21 -7.58
N ASN B 170 -10.47 -21.16 -6.26
CA ASN B 170 -11.03 -19.95 -5.66
C ASN B 170 -10.08 -18.76 -5.82
N LYS B 171 -8.79 -18.99 -5.71
CA LYS B 171 -7.83 -17.91 -5.89
C LYS B 171 -7.89 -17.37 -7.30
N GLU B 172 -8.00 -18.26 -8.29
CA GLU B 172 -8.15 -17.81 -9.68
CA GLU B 172 -8.15 -17.81 -9.68
C GLU B 172 -9.44 -17.03 -9.87
N LYS B 173 -10.52 -17.46 -9.19
CA LYS B 173 -11.79 -16.73 -9.29
C LYS B 173 -11.65 -15.30 -8.76
N ILE B 174 -10.90 -15.12 -7.67
CA ILE B 174 -10.68 -13.77 -7.14
C ILE B 174 -9.95 -12.92 -8.17
N HIS B 175 -8.89 -13.48 -8.77
CA HIS B 175 -8.14 -12.71 -9.75
C HIS B 175 -8.99 -12.38 -10.97
N ARG B 176 -9.85 -13.31 -11.41
CA ARG B 176 -10.74 -13.01 -12.52
C ARG B 176 -11.71 -11.88 -12.15
N MET B 177 -12.20 -11.89 -10.92
CA MET B 177 -13.11 -10.83 -10.51
C MET B 177 -12.38 -9.49 -10.41
N LEU B 178 -11.13 -9.49 -9.94
CA LEU B 178 -10.36 -8.24 -9.95
C LEU B 178 -10.25 -7.69 -11.37
N ASP B 179 -10.01 -8.56 -12.34
CA ASP B 179 -9.96 -8.11 -13.73
C ASP B 179 -11.30 -7.52 -14.18
N LYS B 180 -12.42 -8.13 -13.76
CA LYS B 180 -13.73 -7.63 -14.13
C LYS B 180 -13.99 -6.25 -13.53
N ILE B 181 -13.50 -6.01 -12.31
CA ILE B 181 -13.69 -4.71 -11.71
C ILE B 181 -12.84 -3.66 -12.43
N THR B 182 -11.64 -4.05 -12.87
CA THR B 182 -10.87 -3.14 -13.72
C THR B 182 -11.66 -2.82 -14.99
N ASP B 183 -12.22 -3.84 -15.63
CA ASP B 183 -13.05 -3.63 -16.81
C ASP B 183 -14.16 -2.62 -16.51
N ALA B 184 -14.79 -2.74 -15.34
CA ALA B 184 -15.90 -1.87 -14.99
C ALA B 184 -15.44 -0.43 -14.81
N LEU B 185 -14.30 -0.23 -14.14
CA LEU B 185 -13.75 1.12 -13.99
CA LEU B 185 -13.77 1.12 -13.99
C LEU B 185 -13.47 1.74 -15.35
N ILE B 186 -12.82 0.98 -16.24
CA ILE B 186 -12.49 1.48 -17.56
C ILE B 186 -13.76 1.81 -18.34
N TRP B 187 -14.77 0.93 -18.26
CA TRP B 187 -16.03 1.18 -18.93
C TRP B 187 -16.68 2.47 -18.45
N TYR B 188 -16.68 2.69 -17.14
CA TYR B 188 -17.24 3.93 -16.60
C TYR B 188 -16.49 5.16 -17.13
N MET B 189 -15.16 5.10 -17.11
N MET B 189 -15.15 5.09 -17.16
CA MET B 189 -14.37 6.22 -17.62
CA MET B 189 -14.38 6.23 -17.61
C MET B 189 -14.65 6.46 -19.10
C MET B 189 -14.53 6.47 -19.11
N ALA B 190 -14.65 5.39 -19.89
CA ALA B 190 -14.92 5.53 -21.31
C ALA B 190 -16.28 6.18 -21.55
N LYS B 191 -17.31 5.72 -20.82
CA LYS B 191 -18.66 6.27 -20.99
C LYS B 191 -18.69 7.74 -20.63
N SER B 192 -17.80 8.17 -19.74
CA SER B 192 -17.71 9.54 -19.30
C SER B 192 -16.96 10.43 -20.30
N GLY B 193 -16.42 9.84 -21.36
CA GLY B 193 -15.86 10.61 -22.46
C GLY B 193 -14.35 10.72 -22.49
N LEU B 194 -13.63 10.04 -21.60
CA LEU B 194 -12.18 10.13 -21.58
C LEU B 194 -11.57 9.39 -22.77
N SER B 195 -10.49 9.95 -23.30
CA SER B 195 -9.73 9.28 -24.34
C SER B 195 -9.05 8.04 -23.76
N LEU B 196 -8.57 7.17 -24.64
CA LEU B 196 -7.87 5.97 -24.18
CA LEU B 196 -7.88 5.97 -24.17
C LEU B 196 -6.70 6.34 -23.27
N GLN B 197 -5.90 7.33 -23.68
CA GLN B 197 -4.76 7.72 -22.88
C GLN B 197 -5.20 8.24 -21.52
N GLN B 198 -6.27 9.04 -21.50
CA GLN B 198 -6.79 9.56 -20.24
C GLN B 198 -7.34 8.43 -19.37
N GLN B 199 -7.99 7.43 -19.97
CA GLN B 199 -8.51 6.30 -19.21
C GLN B 199 -7.38 5.56 -18.51
N HIS B 200 -6.33 5.23 -19.25
CA HIS B 200 -5.22 4.49 -18.65
C HIS B 200 -4.53 5.31 -17.56
N GLN B 201 -4.34 6.61 -17.81
CA GLN B 201 -3.72 7.46 -16.80
C GLN B 201 -4.57 7.53 -15.54
N ARG B 202 -5.89 7.64 -15.70
CA ARG B 202 -6.75 7.76 -14.53
C ARG B 202 -6.86 6.42 -13.79
N LEU B 203 -6.91 5.32 -14.52
CA LEU B 203 -6.89 4.02 -13.85
C LEU B 203 -5.68 3.91 -12.95
N ALA B 204 -4.52 4.33 -13.44
CA ALA B 204 -3.31 4.26 -12.63
C ALA B 204 -3.38 5.20 -11.43
N GLN B 205 -3.85 6.44 -11.65
CA GLN B 205 -4.01 7.37 -10.53
C GLN B 205 -4.89 6.78 -9.45
N LEU B 206 -5.99 6.15 -9.86
CA LEU B 206 -6.93 5.58 -8.89
C LEU B 206 -6.30 4.41 -8.14
N LEU B 207 -5.59 3.55 -8.84
CA LEU B 207 -5.02 2.38 -8.16
C LEU B 207 -3.86 2.76 -7.26
N LEU B 208 -3.13 3.82 -7.58
CA LEU B 208 -2.06 4.28 -6.67
C LEU B 208 -2.64 4.79 -5.35
N ILE B 209 -3.88 5.30 -5.36
CA ILE B 209 -4.55 5.64 -4.11
C ILE B 209 -4.49 4.46 -3.16
N LEU B 210 -4.65 3.25 -3.67
CA LEU B 210 -4.70 2.08 -2.81
C LEU B 210 -3.38 1.81 -2.10
N SER B 211 -2.25 2.25 -2.65
CA SER B 211 -0.99 2.15 -1.91
C SER B 211 -1.04 3.02 -0.65
N HIS B 212 -1.57 4.23 -0.81
CA HIS B 212 -1.69 5.16 0.31
C HIS B 212 -2.72 4.67 1.31
N ILE B 213 -3.86 4.12 0.86
CA ILE B 213 -4.83 3.55 1.78
C ILE B 213 -4.19 2.43 2.61
N ARG B 214 -3.42 1.54 1.96
CA ARG B 214 -2.73 0.49 2.71
C ARG B 214 -1.82 1.08 3.77
N HIS B 215 -1.03 2.08 3.40
CA HIS B 215 -0.11 2.72 4.34
C HIS B 215 -0.85 3.27 5.54
N MET B 216 -1.96 3.97 5.31
CA MET B 216 -2.68 4.58 6.42
C MET B 216 -3.32 3.53 7.30
N SER B 217 -3.83 2.45 6.70
CA SER B 217 -4.36 1.34 7.50
C SER B 217 -3.28 0.74 8.39
N ASN B 218 -2.10 0.50 7.84
CA ASN B 218 -1.02 -0.05 8.66
C ASN B 218 -0.64 0.88 9.78
N LYS B 219 -0.56 2.18 9.50
CA LYS B 219 -0.25 3.14 10.56
C LYS B 219 -1.37 3.18 11.61
N GLY B 220 -2.62 3.15 11.15
CA GLY B 220 -3.73 3.15 12.09
C GLY B 220 -3.77 1.91 12.95
N MET B 221 -3.43 0.76 12.35
CA MET B 221 -3.42 -0.49 13.11
C MET B 221 -2.35 -0.48 14.18
N GLU B 222 -1.16 0.04 13.86
CA GLU B 222 -0.11 0.18 14.85
C GLU B 222 -0.55 1.11 15.96
N HIS B 223 -1.25 2.18 15.61
CA HIS B 223 -1.74 3.12 16.60
C HIS B 223 -2.80 2.48 17.48
N LEU B 224 -3.74 1.75 16.87
CA LEU B 224 -4.75 1.05 17.65
C LEU B 224 -4.12 0.05 18.61
N TYR B 225 -3.11 -0.68 18.16
CA TYR B 225 -2.43 -1.61 19.07
C TYR B 225 -1.81 -0.85 20.24
N SER B 226 -1.18 0.29 19.97
CA SER B 226 -0.60 1.09 21.04
C SER B 226 -1.68 1.52 22.04
N MET B 227 -2.84 1.93 21.52
CA MET B 227 -3.95 2.30 22.41
CA MET B 227 -3.95 2.29 22.41
C MET B 227 -4.37 1.11 23.26
N LYS B 228 -4.48 -0.08 22.66
CA LYS B 228 -4.85 -1.26 23.42
C LYS B 228 -3.83 -1.56 24.51
N SER B 229 -2.54 -1.54 24.15
CA SER B 229 -1.51 -1.88 25.11
CA SER B 229 -1.50 -1.88 25.11
C SER B 229 -1.46 -0.88 26.26
N LYS B 230 -1.69 0.40 25.96
CA LYS B 230 -1.68 1.45 26.97
C LYS B 230 -3.00 1.56 27.70
N ASN B 231 -3.99 0.73 27.36
CA ASN B 231 -5.30 0.76 28.00
CA ASN B 231 -5.30 0.76 28.00
C ASN B 231 -5.94 2.14 27.92
N VAL B 232 -5.78 2.80 26.78
CA VAL B 232 -6.34 4.14 26.62
C VAL B 232 -7.86 4.09 26.60
N VAL B 233 -8.44 3.12 25.90
CA VAL B 233 -9.89 2.96 25.87
C VAL B 233 -10.26 1.49 25.78
N PRO B 234 -11.43 1.09 26.25
CA PRO B 234 -11.88 -0.30 26.07
C PRO B 234 -12.28 -0.53 24.61
N LEU B 235 -11.91 -1.70 24.11
CA LEU B 235 -12.22 -2.09 22.74
C LEU B 235 -13.18 -3.27 22.77
N SER B 236 -14.09 -3.30 21.79
CA SER B 236 -15.05 -4.38 21.70
C SER B 236 -14.36 -5.70 21.40
N ASP B 237 -15.05 -6.80 21.68
CA ASP B 237 -14.50 -8.12 21.35
C ASP B 237 -14.18 -8.23 19.87
N LEU B 238 -15.06 -7.71 19.02
CA LEU B 238 -14.83 -7.78 17.58
C LEU B 238 -13.56 -7.05 17.19
N LEU B 239 -13.39 -5.82 17.68
CA LEU B 239 -12.18 -5.06 17.32
C LEU B 239 -10.93 -5.78 17.83
N LEU B 240 -10.98 -6.33 19.04
CA LEU B 240 -9.82 -7.06 19.55
C LEU B 240 -9.48 -8.21 18.62
N GLU B 241 -10.50 -8.91 18.11
CA GLU B 241 -10.24 -10.04 17.22
C GLU B 241 -9.69 -9.58 15.88
N MET B 242 -10.26 -8.50 15.32
CA MET B 242 -9.74 -7.95 14.07
CA MET B 242 -9.74 -7.96 14.06
C MET B 242 -8.32 -7.45 14.24
N LEU B 243 -8.06 -6.74 15.35
CA LEU B 243 -6.72 -6.27 15.64
C LEU B 243 -5.77 -7.46 15.77
N ASP B 244 -6.21 -8.53 16.44
CA ASP B 244 -5.33 -9.68 16.66
C ASP B 244 -5.02 -10.42 15.37
N ALA B 245 -5.91 -10.35 14.38
CA ALA B 245 -5.65 -10.99 13.09
C ALA B 245 -4.55 -10.30 12.32
N HIS B 246 -4.18 -9.08 12.71
CA HIS B 246 -2.99 -8.39 12.23
C HIS B 246 -1.79 -8.61 13.16
N ARG B 247 -1.76 -9.72 13.90
CA ARG B 247 -0.72 -10.00 14.89
C ARG B 247 -0.70 -8.93 15.97
N HIS C 3 22.06 17.96 9.90
CA HIS C 3 22.14 17.75 8.46
C HIS C 3 22.05 16.27 8.13
N LYS C 4 20.95 15.87 7.50
CA LYS C 4 20.68 14.47 7.23
C LYS C 4 21.70 13.90 6.26
N ILE C 5 22.11 12.65 6.51
CA ILE C 5 22.99 11.96 5.57
C ILE C 5 22.36 11.92 4.18
N LEU C 6 21.07 11.62 4.12
CA LEU C 6 20.40 11.52 2.82
C LEU C 6 20.48 12.83 2.05
N HIS C 7 20.25 13.95 2.74
CA HIS C 7 20.38 15.25 2.11
C HIS C 7 21.78 15.47 1.58
N ARG C 8 22.79 15.03 2.33
CA ARG C 8 24.17 15.18 1.89
CA ARG C 8 24.17 15.18 1.89
C ARG C 8 24.44 14.38 0.63
N LEU C 9 23.98 13.13 0.60
CA LEU C 9 24.25 12.26 -0.54
C LEU C 9 23.55 12.73 -1.80
N LEU C 10 22.40 13.38 -1.67
CA LEU C 10 21.69 13.89 -2.84
C LEU C 10 22.40 15.06 -3.50
N GLN C 11 23.45 15.60 -2.88
CA GLN C 11 24.16 16.74 -3.44
C GLN C 11 25.33 16.33 -4.33
N ASP C 12 26.15 15.40 -3.87
CA ASP C 12 27.33 14.98 -4.63
C ASP C 12 26.97 13.95 -5.70
C ACE D 1 -12.89 -20.10 13.59
O ACE D 1 -13.46 -19.03 13.38
CH3 ACE D 1 -11.40 -20.20 13.66
N LYS D 2 -13.55 -21.24 13.78
CA LYS D 2 -15.00 -21.31 13.74
C LYS D 2 -15.65 -20.51 14.86
N HIS D 3 -14.87 -20.21 15.90
CA HIS D 3 -15.36 -19.47 17.04
C HIS D 3 -15.12 -17.97 16.93
N LYS D 4 -14.54 -17.49 15.83
CA LYS D 4 -14.35 -16.07 15.64
C LYS D 4 -15.70 -15.36 15.48
N ILE D 5 -15.82 -14.17 16.06
CA ILE D 5 -17.03 -13.38 15.88
C ILE D 5 -17.27 -13.11 14.40
N LEU D 6 -16.23 -12.75 13.67
CA LEU D 6 -16.37 -12.48 12.25
C LEU D 6 -16.93 -13.69 11.52
N HIS D 7 -16.52 -14.90 11.93
CA HIS D 7 -17.05 -16.10 11.29
C HIS D 7 -18.55 -16.22 11.53
N ARG D 8 -19.00 -15.88 12.74
CA ARG D 8 -20.42 -15.97 13.05
C ARG D 8 -21.21 -14.92 12.27
N LEU D 9 -20.68 -13.70 12.17
CA LEU D 9 -21.41 -12.64 11.48
C LEU D 9 -21.57 -12.94 9.99
N LEU D 10 -20.55 -13.56 9.37
CA LEU D 10 -20.64 -13.88 7.96
C LEU D 10 -21.69 -14.96 7.68
N GLN D 11 -22.00 -15.80 8.66
CA GLN D 11 -23.06 -16.78 8.49
C GLN D 11 -24.43 -16.17 8.74
N ASP D 12 -24.56 -15.40 9.80
CA ASP D 12 -25.83 -14.79 10.17
C ASP D 12 -26.22 -13.70 9.18
C1 GEN E . 15.53 -5.16 8.55
C2 GEN E . 14.39 -5.68 9.14
O2 GEN E . 14.22 -5.51 10.48
C3 GEN E . 13.42 -6.36 8.41
C4 GEN E . 13.63 -6.52 7.04
O4 GEN E . 12.70 -7.17 6.33
C5 GEN E . 14.75 -6.02 6.39
C6 GEN E . 14.98 -6.21 4.95
O6 GEN E . 14.20 -6.82 4.26
C7 GEN E . 16.21 -5.66 4.45
C8 GEN E . 17.00 -4.98 5.29
O9 GEN E . 16.83 -4.84 6.64
C10 GEN E . 15.68 -5.36 7.18
C11 GEN E . 16.61 -5.66 3.01
C12 GEN E . 17.98 -5.60 2.72
C13 GEN E . 18.40 -5.55 1.39
C14 GEN E . 17.46 -5.57 0.37
O14 GEN E . 17.88 -5.51 -0.91
C15 GEN E . 16.09 -5.65 0.66
C16 GEN E . 15.67 -5.68 1.99
H1 GEN E . 16.17 -4.71 9.05
H2 GEN E . 14.70 -6.13 10.82
H3 GEN E . 12.65 -6.69 8.81
H4 GEN E . 12.81 -7.98 6.57
H8 GEN E . 17.78 -4.51 5.07
H12 GEN E . 18.61 -5.58 3.40
H13 GEN E . 19.31 -5.49 1.18
H14 GEN E . 18.12 -4.69 -1.02
H15 GEN E . 15.47 -5.67 -0.03
H16 GEN E . 14.76 -5.72 2.18
NA NA F . -7.89 -0.57 -22.30
NA NA G . 29.32 0.14 -2.89
C1 EDO H . 18.46 -5.82 -9.18
O1 EDO H . 18.24 -5.33 -7.85
C2 EDO H . 17.51 -5.12 -10.15
O2 EDO H . 17.77 -3.72 -10.16
H11 EDO H . 18.31 -6.90 -9.21
H12 EDO H . 19.50 -5.62 -9.47
HO1 EDO H . 18.99 -5.58 -7.28
H21 EDO H . 17.65 -5.54 -11.15
H22 EDO H . 16.48 -5.31 -9.84
HO2 EDO H . 17.16 -3.29 -10.76
C1 EDO I . 15.00 -12.51 -12.11
O1 EDO I . 15.27 -13.20 -10.87
C2 EDO I . 16.11 -11.49 -12.39
O2 EDO I . 17.38 -12.13 -12.52
H11 EDO I . 14.04 -12.00 -12.04
H12 EDO I . 14.96 -13.22 -12.92
HO1 EDO I . 14.53 -13.77 -10.65
H21 EDO I . 16.14 -10.75 -11.57
H22 EDO I . 15.88 -10.95 -13.31
HO2 EDO I . 18.06 -11.47 -12.66
C1 EDO J . 25.13 8.77 -4.27
O1 EDO J . 24.64 9.73 -5.24
C2 EDO J . 26.19 9.43 -3.40
O2 EDO J . 27.33 9.76 -4.20
H11 EDO J . 24.29 8.43 -3.65
H12 EDO J . 25.54 7.91 -4.78
HO1 EDO J . 23.96 9.31 -5.80
H21 EDO J . 26.49 8.73 -2.61
H22 EDO J . 25.79 10.32 -2.93
HO2 EDO J . 28.00 10.19 -3.64
C1 EDO K . 23.10 -18.54 2.47
O1 EDO K . 22.27 -19.61 1.99
C2 EDO K . 24.18 -18.21 1.46
O2 EDO K . 23.56 -18.01 0.18
H11 EDO K . 22.49 -17.65 2.67
H12 EDO K . 23.56 -18.83 3.42
HO1 EDO K . 21.44 -19.63 2.50
H21 EDO K . 24.72 -17.31 1.76
H22 EDO K . 24.90 -19.02 1.40
HO2 EDO K . 24.25 -17.80 -0.47
C1 EDO L . 1.65 -8.71 1.24
O1 EDO L . 0.24 -8.81 1.01
C2 EDO L . 2.38 -9.61 0.26
O2 EDO L . 2.31 -10.97 0.69
H11 EDO L . 1.89 -9.02 2.27
H12 EDO L . 1.98 -7.68 1.12
HO1 EDO L . -0.22 -8.24 1.62
H21 EDO L . 1.93 -9.52 -0.74
H22 EDO L . 3.43 -9.30 0.16
HO2 EDO L . 2.79 -11.54 0.07
C1 EDO M . 9.39 13.71 -12.04
O1 EDO M . 10.67 13.31 -11.53
C2 EDO M . 8.97 15.04 -11.44
O2 EDO M . 9.93 16.06 -11.75
H11 EDO M . 8.64 12.95 -11.81
H12 EDO M . 9.44 13.80 -13.13
HO1 EDO M . 10.90 12.45 -11.90
H21 EDO M . 7.99 15.33 -11.82
H22 EDO M . 8.89 14.94 -10.35
HO2 EDO M . 9.66 16.89 -11.34
C1 EDO N . -1.40 16.61 -14.14
O1 EDO N . -0.45 17.29 -13.32
C2 EDO N . -0.98 15.15 -14.25
O2 EDO N . -2.00 14.31 -13.69
H11 EDO N . -1.45 17.06 -15.13
H12 EDO N . -2.40 16.67 -13.70
HO1 EDO N . -0.38 18.21 -13.61
H21 EDO N . -0.05 14.99 -13.71
H22 EDO N . -0.82 14.89 -15.30
HO2 EDO N . -1.73 13.39 -13.75
CL CL O . 29.63 -2.70 -2.00
C1 GEN P . -8.21 3.89 16.10
C2 GEN P . -6.88 4.31 16.02
O2 GEN P . -6.04 4.01 17.07
C3 GEN P . -6.40 5.04 14.94
C4 GEN P . -7.28 5.33 13.91
O4 GEN P . -6.81 6.04 12.87
C5 GEN P . -8.62 4.94 13.93
C6 GEN P . -9.54 5.29 12.84
O6 GEN P . -9.17 5.94 11.90
C7 GEN P . -10.91 4.82 13.03
C8 GEN P . -11.17 4.02 14.08
O9 GEN P . -10.33 3.80 15.14
C10 GEN P . -9.04 4.23 15.03
C11 GEN P . -11.98 4.96 12.01
C12 GEN P . -13.31 4.95 12.45
C13 GEN P . -14.35 5.04 11.55
C14 GEN P . -14.07 5.15 10.20
O14 GEN P . -15.11 5.25 9.32
C15 GEN P . -12.76 5.18 9.74
C16 GEN P . -11.71 5.07 10.65
H1 GEN P . -8.52 3.40 16.84
H2 GEN P . -5.53 3.42 16.75
H3 GEN P . -5.52 5.32 14.91
H4 GEN P . -6.73 6.82 13.18
H8 GEN P . -11.95 3.54 14.22
H12 GEN P . -13.50 4.88 13.36
H13 GEN P . -15.24 5.04 11.84
H14 GEN P . -15.28 4.43 9.11
H15 GEN P . -12.60 5.25 8.82
H16 GEN P . -10.84 5.08 10.34
NA NA Q . -21.74 21.49 25.88
C1 EDO R . -16.69 17.66 16.21
O1 EDO R . -16.02 18.79 15.63
C2 EDO R . -18.16 17.63 15.86
O2 EDO R . -18.37 17.66 14.43
H11 EDO R . -16.57 17.70 17.30
H12 EDO R . -16.21 16.74 15.87
HO1 EDO R . -15.09 18.57 15.46
H21 EDO R . -18.67 18.48 16.31
H22 EDO R . -18.61 16.71 16.27
HO2 EDO R . -19.31 17.59 14.25
C1 EDO S . 0.94 -15.20 -4.46
O1 EDO S . -0.21 -15.66 -3.73
C2 EDO S . 0.77 -15.66 -5.90
O2 EDO S . -0.52 -15.26 -6.35
H11 EDO S . 1.85 -15.61 -4.03
H12 EDO S . 1.00 -14.11 -4.42
HO1 EDO S . -0.08 -15.47 -2.79
H21 EDO S . 0.88 -16.75 -5.97
H22 EDO S . 1.55 -15.22 -6.53
HO2 EDO S . -0.63 -15.53 -7.27
C1 EDO T . -14.86 -12.92 -6.41
O1 EDO T . -15.69 -12.46 -5.34
C2 EDO T . -14.50 -14.39 -6.21
O2 EDO T . -15.66 -15.21 -6.39
H11 EDO T . -13.95 -12.33 -6.46
H12 EDO T . -15.39 -12.80 -7.36
HO1 EDO T . -15.91 -11.53 -5.48
H21 EDO T . -14.11 -14.53 -5.20
H22 EDO T . -13.73 -14.69 -6.92
HO2 EDO T . -15.42 -16.14 -6.29
C1 EDO U . -3.35 4.36 -24.33
O1 EDO U . -2.59 4.98 -23.29
C2 EDO U . -2.86 4.77 -25.72
O2 EDO U . -3.51 5.98 -26.13
H11 EDO U . -4.40 4.63 -24.22
H12 EDO U . -3.27 3.26 -24.23
HO1 EDO U . -2.94 4.72 -22.43
H21 EDO U . -1.78 4.92 -25.69
H22 EDO U . -3.08 3.97 -26.43
HO2 EDO U . -3.21 6.21 -27.02
C1 EDO V . -19.78 13.26 -1.10
O1 EDO V . -20.50 12.92 0.09
C2 EDO V . -18.27 13.19 -0.88
O2 EDO V . -17.87 13.98 0.24
H11 EDO V . -20.06 12.59 -1.91
H12 EDO V . -20.06 14.27 -1.42
HO1 EDO V . -21.46 12.99 -0.09
H21 EDO V . -17.75 13.56 -1.78
H22 EDO V . -17.98 12.15 -0.72
HO2 EDO V . -16.93 13.83 0.43
C1 EDO W . -1.90 16.40 23.43
O1 EDO W . -0.67 17.13 23.38
C2 EDO W . -1.70 15.03 22.80
O2 EDO W . -1.21 15.16 21.47
H11 EDO W . -2.67 16.96 22.88
H12 EDO W . -2.23 16.31 24.46
HO1 EDO W . -0.78 17.99 23.79
H21 EDO W . -2.65 14.49 22.80
H22 EDO W . -1.00 14.45 23.41
HO2 EDO W . -1.10 14.28 21.08
C1 EDO X . -3.16 16.01 -3.23
O1 EDO X . -2.39 15.43 -4.30
C2 EDO X . -2.65 15.47 -1.90
O2 EDO X . -3.06 16.35 -0.87
H11 EDO X . -3.06 17.09 -3.25
H12 EDO X . -4.21 15.75 -3.37
HO1 EDO X . -2.69 15.79 -5.15
H21 EDO X . -1.56 15.38 -1.92
H22 EDO X . -3.06 14.46 -1.73
HO2 EDO X . -2.74 16.03 -0.02
C1 EDO Y . -19.93 6.42 2.81
O1 EDO Y . -19.19 5.73 3.82
C2 EDO Y . -19.64 5.83 1.43
O2 EDO Y . -20.17 4.50 1.36
H11 EDO Y . -19.67 7.48 2.81
H12 EDO Y . -21.00 6.35 3.02
HO1 EDO Y . -19.54 5.97 4.68
H21 EDO Y . -18.56 5.80 1.27
H22 EDO Y . -20.08 6.45 0.66
HO2 EDO Y . -19.95 4.11 0.50
C1 EDO Z . -12.58 -10.88 -17.70
O1 EDO Z . -12.79 -9.53 -18.09
C2 EDO Z . -11.89 -10.85 -16.34
O2 EDO Z . -12.05 -12.09 -15.66
H11 EDO Z . -13.52 -11.42 -17.64
H12 EDO Z . -11.94 -11.39 -18.43
HO1 EDO Z . -13.21 -9.51 -18.97
H21 EDO Z . -12.33 -10.04 -15.73
H22 EDO Z . -10.83 -10.64 -16.46
HO2 EDO Z . -11.61 -12.05 -14.80
CL CL AA . 1.53 20.97 13.65
CL CL BA . -23.38 -19.26 -10.25
C1 GOL CA . 19.20 21.65 7.27
O1 GOL CA . 20.42 21.87 6.62
C2 GOL CA . 18.60 20.28 6.80
O2 GOL CA . 17.57 20.46 5.86
C3 GOL CA . 19.78 19.45 6.22
O3 GOL CA . 19.42 18.09 6.37
H11 GOL CA . 18.55 22.35 7.08
H12 GOL CA . 19.30 21.63 8.24
HO1 GOL CA . 20.75 22.59 6.93
H2 GOL CA . 18.22 19.83 7.57
HO2 GOL CA . 17.27 19.69 5.66
H31 GOL CA . 20.59 19.69 6.69
H32 GOL CA . 19.93 19.72 5.30
HO3 GOL CA . 19.79 17.67 5.74
#